data_1LP6
#
_entry.id   1LP6
#
_cell.length_a   57.130
_cell.length_b   55.663
_cell.length_c   65.838
_cell.angle_alpha   90.00
_cell.angle_beta   94.77
_cell.angle_gamma   90.00
#
_symmetry.space_group_name_H-M   'P 1 21 1'
#
loop_
_entity.id
_entity.type
_entity.pdbx_description
1 polymer 'orotidine monophosphate decarboxylase'
2 non-polymer "CYTIDINE-5'-MONOPHOSPHATE"
3 water water
#
_entity_poly.entity_id   1
_entity_poly.type   'polypeptide(L)'
_entity_poly.pdbx_seq_one_letter_code
;LRSRRVDVMDVMNRLILAMDLMNRDDALRVTGEVREYIDTVKIGYPLVLSEGMDIIAEFRKRFGCRIIADFKVADIPETN
EKICRATFKAGADAIIVHGFPGADSVRACLNVAEEMGREVFLLTEMSHPGAEMFIQGAADEIARMGVDLGVKNYVGPSTR
PERLSRLREIIGQDSFLISPGVGAQGGDPGETLRFADAIIVGRSIYLADNPAAAAAGIIESIKDLLIPE
;
_entity_poly.pdbx_strand_id   A,B
#
loop_
_chem_comp.id
_chem_comp.type
_chem_comp.name
_chem_comp.formula
C5P non-polymer CYTIDINE-5'-MONOPHOSPHATE 'C9 H14 N3 O8 P'
#
# COMPACT_ATOMS: atom_id res chain seq x y z
N MET A 9 -4.63 19.91 -16.62
CA MET A 9 -4.23 18.60 -17.24
C MET A 9 -2.96 18.74 -18.09
N ASP A 10 -2.24 19.83 -17.89
CA ASP A 10 -1.01 20.07 -18.66
C ASP A 10 0.23 20.06 -17.77
N VAL A 11 1.13 19.13 -18.05
CA VAL A 11 2.37 19.02 -17.29
C VAL A 11 3.45 19.84 -17.99
N MET A 12 4.18 20.67 -17.24
CA MET A 12 5.22 21.50 -17.84
C MET A 12 6.25 20.66 -18.59
N ASN A 13 6.44 20.96 -19.88
CA ASN A 13 7.42 20.24 -20.71
C ASN A 13 7.18 18.72 -20.84
N ARG A 14 5.99 18.26 -20.48
CA ARG A 14 5.63 16.84 -20.58
C ARG A 14 6.62 15.93 -19.85
N LEU A 15 7.25 16.46 -18.80
CA LEU A 15 8.25 15.72 -18.04
C LEU A 15 7.96 15.74 -16.54
N ILE A 16 7.74 14.57 -15.96
CA ILE A 16 7.44 14.45 -14.53
C ILE A 16 8.66 13.88 -13.80
N LEU A 17 9.06 14.54 -12.73
CA LEU A 17 10.21 14.07 -11.97
C LEU A 17 9.72 13.02 -10.97
N ALA A 18 10.33 11.85 -10.98
CA ALA A 18 9.96 10.83 -10.01
C ALA A 18 10.96 11.03 -8.88
N MET A 19 10.49 11.62 -7.79
CA MET A 19 11.39 11.91 -6.67
C MET A 19 11.36 10.72 -5.73
N ASP A 20 12.22 9.74 -6.00
CA ASP A 20 12.25 8.54 -5.18
C ASP A 20 13.30 8.50 -4.08
N LEU A 21 13.91 9.64 -3.82
CA LEU A 21 14.90 9.77 -2.77
C LEU A 21 14.13 9.75 -1.46
N MET A 22 14.82 9.46 -0.37
CA MET A 22 14.15 9.38 0.91
C MET A 22 14.66 10.41 1.88
N ASN A 23 15.58 11.25 1.42
CA ASN A 23 16.14 12.29 2.27
C ASN A 23 15.58 13.67 1.87
N ARG A 24 15.01 14.38 2.84
CA ARG A 24 14.43 15.71 2.60
C ARG A 24 15.39 16.71 1.93
N ASP A 25 16.64 16.76 2.40
CA ASP A 25 17.61 17.69 1.82
C ASP A 25 17.89 17.43 0.34
N ASP A 26 18.19 16.19 -0.04
CA ASP A 26 18.45 15.92 -1.45
C ASP A 26 17.15 16.09 -2.26
N ALA A 27 16.03 15.67 -1.68
CA ALA A 27 14.73 15.79 -2.37
C ALA A 27 14.44 17.24 -2.71
N LEU A 28 14.57 18.13 -1.73
CA LEU A 28 14.30 19.55 -1.96
C LEU A 28 15.33 20.21 -2.86
N ARG A 29 16.59 19.80 -2.73
CA ARG A 29 17.66 20.38 -3.55
C ARG A 29 17.38 20.14 -5.02
N VAL A 30 17.17 18.86 -5.36
CA VAL A 30 16.92 18.48 -6.75
C VAL A 30 15.66 19.16 -7.29
N THR A 31 14.59 19.15 -6.51
CA THR A 31 13.33 19.76 -6.96
C THR A 31 13.52 21.24 -7.27
N GLY A 32 14.22 21.93 -6.39
CA GLY A 32 14.47 23.34 -6.60
C GLY A 32 15.34 23.59 -7.83
N GLU A 33 16.29 22.70 -8.11
CA GLU A 33 17.15 22.89 -9.27
C GLU A 33 16.47 22.65 -10.62
N VAL A 34 15.42 21.84 -10.64
CA VAL A 34 14.77 21.56 -11.92
C VAL A 34 13.42 22.27 -12.08
N ARG A 35 13.04 23.11 -11.13
CA ARG A 35 11.74 23.76 -11.21
C ARG A 35 11.56 24.66 -12.44
N GLU A 36 12.65 25.17 -13.01
CA GLU A 36 12.49 26.01 -14.19
C GLU A 36 12.14 25.15 -15.40
N TYR A 37 12.24 23.82 -15.25
CA TYR A 37 11.92 22.89 -16.35
C TYR A 37 10.75 21.95 -16.08
N ILE A 38 10.49 21.68 -14.81
CA ILE A 38 9.46 20.72 -14.40
C ILE A 38 8.59 21.29 -13.31
N ASP A 39 7.27 21.10 -13.40
CA ASP A 39 6.36 21.59 -12.35
C ASP A 39 5.57 20.46 -11.67
N THR A 40 5.77 19.23 -12.12
CA THR A 40 5.03 18.09 -11.58
C THR A 40 6.01 17.04 -11.04
N VAL A 41 5.83 16.70 -9.77
CA VAL A 41 6.70 15.76 -9.09
C VAL A 41 5.88 14.62 -8.48
N LYS A 42 6.37 13.41 -8.70
CA LYS A 42 5.75 12.19 -8.19
C LYS A 42 6.59 11.73 -7.01
N ILE A 43 5.96 11.55 -5.86
CA ILE A 43 6.70 11.09 -4.68
C ILE A 43 6.06 9.79 -4.18
N GLY A 44 6.82 9.00 -3.45
CA GLY A 44 6.29 7.75 -2.94
C GLY A 44 6.34 7.65 -1.44
N TYR A 45 5.92 6.49 -0.93
CA TYR A 45 5.94 6.25 0.49
C TYR A 45 7.38 6.33 1.08
N PRO A 46 8.40 5.90 0.34
CA PRO A 46 9.70 6.02 1.02
C PRO A 46 9.98 7.42 1.57
N LEU A 47 9.77 8.44 0.75
CA LEU A 47 10.02 9.79 1.20
C LEU A 47 9.07 10.23 2.31
N VAL A 48 7.76 10.07 2.10
CA VAL A 48 6.82 10.53 3.11
C VAL A 48 6.83 9.74 4.41
N LEU A 49 7.19 8.46 4.38
CA LEU A 49 7.26 7.71 5.62
C LEU A 49 8.54 8.13 6.39
N SER A 50 9.58 8.48 5.66
CA SER A 50 10.86 8.87 6.26
C SER A 50 10.88 10.32 6.75
N GLU A 51 10.17 11.21 6.05
CA GLU A 51 10.21 12.61 6.44
C GLU A 51 8.88 13.17 6.93
N GLY A 52 7.81 12.40 6.77
CA GLY A 52 6.52 12.87 7.22
C GLY A 52 5.69 13.43 6.07
N MET A 53 4.37 13.33 6.19
CA MET A 53 3.48 13.84 5.15
C MET A 53 3.53 15.36 4.97
N ASP A 54 4.03 16.09 5.97
CA ASP A 54 4.14 17.55 5.85
C ASP A 54 5.12 17.96 4.75
N ILE A 55 5.94 17.02 4.28
CA ILE A 55 6.87 17.40 3.23
C ILE A 55 6.12 17.75 1.92
N ILE A 56 4.90 17.23 1.77
CA ILE A 56 4.12 17.52 0.56
C ILE A 56 3.80 19.02 0.46
N ALA A 57 3.36 19.62 1.56
CA ALA A 57 3.04 21.06 1.55
C ALA A 57 4.32 21.86 1.35
N GLU A 58 5.44 21.30 1.80
CA GLU A 58 6.72 21.97 1.62
C GLU A 58 7.06 22.10 0.13
N PHE A 59 6.89 20.99 -0.60
CA PHE A 59 7.16 20.99 -2.04
C PHE A 59 6.25 22.04 -2.71
N ARG A 60 4.98 22.05 -2.32
CA ARG A 60 4.01 22.97 -2.94
C ARG A 60 4.23 24.43 -2.59
N LYS A 61 4.36 24.72 -1.31
CA LYS A 61 4.56 26.10 -0.88
C LYS A 61 5.91 26.65 -1.30
N ARG A 62 6.95 25.83 -1.20
CA ARG A 62 8.30 26.24 -1.58
C ARG A 62 8.54 26.39 -3.08
N PHE A 63 8.13 25.38 -3.84
CA PHE A 63 8.41 25.40 -5.27
C PHE A 63 7.24 25.52 -6.21
N GLY A 64 6.03 25.37 -5.69
CA GLY A 64 4.85 25.47 -6.52
C GLY A 64 4.67 24.24 -7.39
N CYS A 65 5.19 23.10 -6.92
CA CYS A 65 5.11 21.82 -7.63
C CYS A 65 3.70 21.23 -7.53
N ARG A 66 3.25 20.56 -8.58
CA ARG A 66 1.99 19.83 -8.51
C ARG A 66 2.54 18.52 -7.95
N ILE A 67 1.82 17.87 -7.05
CA ILE A 67 2.30 16.62 -6.45
C ILE A 67 1.42 15.40 -6.73
N ILE A 68 2.03 14.35 -7.27
CA ILE A 68 1.30 13.12 -7.51
C ILE A 68 1.81 12.12 -6.47
N ALA A 69 0.95 11.63 -5.59
CA ALA A 69 1.37 10.67 -4.58
C ALA A 69 1.29 9.27 -5.16
N ASP A 70 2.45 8.66 -5.38
CA ASP A 70 2.47 7.31 -5.98
C ASP A 70 2.39 6.32 -4.85
N PHE A 71 1.21 6.22 -4.24
CA PHE A 71 1.05 5.31 -3.11
C PHE A 71 0.47 3.93 -3.50
N LYS A 72 0.10 3.76 -4.78
CA LYS A 72 -0.46 2.49 -5.25
C LYS A 72 -1.46 1.92 -4.26
N VAL A 73 -2.47 2.74 -3.98
CA VAL A 73 -3.51 2.38 -3.02
C VAL A 73 -4.16 1.05 -3.41
N ALA A 74 -4.14 0.10 -2.46
CA ALA A 74 -4.64 -1.24 -2.73
C ALA A 74 -5.33 -1.90 -1.52
N ASP A 75 -6.20 -1.17 -0.85
CA ASP A 75 -6.87 -1.70 0.33
C ASP A 75 -8.37 -1.84 0.08
N ILE A 76 -9.16 -2.05 1.13
CA ILE A 76 -10.60 -2.16 0.96
C ILE A 76 -11.16 -0.73 0.77
N PRO A 77 -12.41 -0.60 0.31
CA PRO A 77 -13.02 0.72 0.08
C PRO A 77 -12.90 1.73 1.21
N GLU A 78 -13.32 1.33 2.42
CA GLU A 78 -13.29 2.24 3.57
C GLU A 78 -11.88 2.72 3.92
N THR A 79 -10.90 1.83 3.80
CA THR A 79 -9.53 2.20 4.11
C THR A 79 -8.96 3.04 2.97
N ASN A 80 -9.28 2.67 1.73
CA ASN A 80 -8.82 3.48 0.61
C ASN A 80 -9.34 4.92 0.75
N GLU A 81 -10.58 5.06 1.20
CA GLU A 81 -11.15 6.40 1.37
C GLU A 81 -10.33 7.21 2.35
N LYS A 82 -9.98 6.59 3.48
CA LYS A 82 -9.21 7.24 4.52
C LYS A 82 -7.81 7.63 4.07
N ILE A 83 -7.16 6.74 3.31
CA ILE A 83 -5.82 7.02 2.81
C ILE A 83 -5.89 8.21 1.85
N CYS A 84 -6.87 8.20 0.95
CA CYS A 84 -6.97 9.29 -0.01
C CYS A 84 -7.27 10.62 0.68
N ARG A 85 -8.19 10.61 1.63
CA ARG A 85 -8.53 11.85 2.32
C ARG A 85 -7.31 12.43 3.03
N ALA A 86 -6.54 11.57 3.69
CA ALA A 86 -5.36 12.02 4.42
C ALA A 86 -4.31 12.60 3.45
N THR A 87 -4.18 11.95 2.30
CA THR A 87 -3.18 12.35 1.30
C THR A 87 -3.56 13.66 0.64
N PHE A 88 -4.85 13.83 0.31
CA PHE A 88 -5.32 15.08 -0.29
C PHE A 88 -5.28 16.20 0.76
N LYS A 89 -5.59 15.87 2.00
CA LYS A 89 -5.54 16.88 3.04
C LYS A 89 -4.10 17.38 3.17
N ALA A 90 -3.12 16.50 2.99
CA ALA A 90 -1.72 16.90 3.10
C ALA A 90 -1.27 17.75 1.90
N GLY A 91 -2.11 17.83 0.86
CA GLY A 91 -1.76 18.66 -0.27
C GLY A 91 -1.54 18.00 -1.62
N ALA A 92 -1.61 16.67 -1.69
CA ALA A 92 -1.40 16.00 -2.98
C ALA A 92 -2.47 16.40 -3.98
N ASP A 93 -2.04 16.65 -5.22
CA ASP A 93 -2.98 17.01 -6.27
C ASP A 93 -3.59 15.76 -6.88
N ALA A 94 -2.89 14.64 -6.75
CA ALA A 94 -3.36 13.39 -7.32
C ALA A 94 -2.77 12.23 -6.55
N ILE A 95 -3.40 11.06 -6.68
CA ILE A 95 -2.92 9.86 -6.02
C ILE A 95 -3.02 8.69 -7.02
N ILE A 96 -2.04 7.80 -7.01
CA ILE A 96 -2.02 6.63 -7.89
C ILE A 96 -2.62 5.44 -7.15
N VAL A 97 -3.54 4.75 -7.82
CA VAL A 97 -4.27 3.65 -7.21
C VAL A 97 -4.20 2.38 -8.06
N HIS A 98 -4.17 1.23 -7.38
CA HIS A 98 -4.15 -0.07 -8.07
C HIS A 98 -5.54 -0.44 -8.54
N GLY A 99 -5.61 -1.20 -9.62
CA GLY A 99 -6.92 -1.64 -10.11
C GLY A 99 -7.20 -3.09 -9.74
N PHE A 100 -6.16 -3.86 -9.39
CA PHE A 100 -6.40 -5.26 -9.08
C PHE A 100 -7.38 -5.57 -7.92
N PRO A 101 -7.49 -4.68 -6.91
CA PRO A 101 -8.43 -4.95 -5.81
C PRO A 101 -9.90 -4.75 -6.26
N GLY A 102 -10.08 -4.34 -7.51
CA GLY A 102 -11.44 -4.19 -8.03
C GLY A 102 -12.06 -2.82 -8.11
N ALA A 103 -13.23 -2.75 -8.75
CA ALA A 103 -13.94 -1.50 -8.97
C ALA A 103 -14.35 -0.70 -7.74
N ASP A 104 -14.90 -1.35 -6.73
CA ASP A 104 -15.31 -0.57 -5.56
C ASP A 104 -14.13 0.07 -4.85
N SER A 105 -13.00 -0.61 -4.82
CA SER A 105 -11.83 -0.01 -4.19
C SER A 105 -11.37 1.23 -4.96
N VAL A 106 -11.49 1.18 -6.28
CA VAL A 106 -11.11 2.34 -7.10
C VAL A 106 -12.16 3.45 -6.91
N ARG A 107 -13.43 3.08 -6.92
CA ARG A 107 -14.51 4.07 -6.75
C ARG A 107 -14.36 4.86 -5.46
N ALA A 108 -13.96 4.19 -4.39
CA ALA A 108 -13.80 4.86 -3.11
C ALA A 108 -12.79 6.00 -3.23
N CYS A 109 -11.73 5.78 -4.00
CA CYS A 109 -10.69 6.81 -4.20
C CYS A 109 -11.22 7.93 -5.08
N LEU A 110 -11.90 7.55 -6.16
CA LEU A 110 -12.48 8.54 -7.05
C LEU A 110 -13.48 9.46 -6.35
N ASN A 111 -14.23 8.91 -5.39
CA ASN A 111 -15.23 9.71 -4.69
C ASN A 111 -14.58 10.77 -3.79
N VAL A 112 -13.50 10.39 -3.11
CA VAL A 112 -12.79 11.35 -2.26
C VAL A 112 -12.21 12.44 -3.18
N ALA A 113 -11.67 12.05 -4.34
CA ALA A 113 -11.12 13.01 -5.30
C ALA A 113 -12.20 13.97 -5.80
N GLU A 114 -13.40 13.45 -6.10
CA GLU A 114 -14.49 14.31 -6.58
C GLU A 114 -14.84 15.29 -5.47
N GLU A 115 -15.02 14.76 -4.27
CA GLU A 115 -15.37 15.58 -3.11
C GLU A 115 -14.37 16.70 -2.85
N MET A 116 -13.08 16.37 -2.90
CA MET A 116 -12.02 17.34 -2.61
C MET A 116 -11.43 18.12 -3.78
N GLY A 117 -11.94 17.88 -4.97
CA GLY A 117 -11.43 18.57 -6.15
C GLY A 117 -10.03 18.13 -6.54
N ARG A 118 -9.71 16.85 -6.37
CA ARG A 118 -8.38 16.37 -6.74
C ARG A 118 -8.51 15.30 -7.82
N GLU A 119 -7.44 14.53 -8.07
CA GLU A 119 -7.47 13.52 -9.12
C GLU A 119 -6.91 12.16 -8.72
N VAL A 120 -7.39 11.14 -9.43
CA VAL A 120 -6.94 9.77 -9.21
C VAL A 120 -6.38 9.24 -10.53
N PHE A 121 -5.19 8.65 -10.48
CA PHE A 121 -4.55 8.02 -11.62
C PHE A 121 -4.68 6.51 -11.40
N LEU A 122 -5.14 5.76 -12.41
CA LEU A 122 -5.28 4.32 -12.26
C LEU A 122 -4.05 3.64 -12.83
N LEU A 123 -3.46 2.77 -12.03
CA LEU A 123 -2.29 2.02 -12.47
C LEU A 123 -2.87 0.83 -13.22
N THR A 124 -2.66 0.76 -14.53
CA THR A 124 -3.25 -0.36 -15.28
C THR A 124 -2.37 -1.58 -15.39
N GLU A 125 -1.07 -1.36 -15.27
CA GLU A 125 -0.14 -2.45 -15.43
C GLU A 125 1.20 -2.11 -14.83
N MET A 126 1.99 -3.15 -14.62
CA MET A 126 3.33 -2.97 -14.08
C MET A 126 4.25 -3.77 -15.03
N SER A 127 5.52 -3.41 -15.09
CA SER A 127 6.44 -4.10 -15.99
C SER A 127 7.67 -4.72 -15.33
N HIS A 128 7.74 -4.67 -14.01
CA HIS A 128 8.89 -5.23 -13.31
C HIS A 128 8.83 -6.77 -13.38
N PRO A 129 9.92 -7.45 -12.99
CA PRO A 129 9.84 -8.91 -13.05
C PRO A 129 8.83 -9.42 -12.02
N GLY A 130 7.97 -10.34 -12.45
CA GLY A 130 6.95 -10.86 -11.58
C GLY A 130 5.59 -10.26 -11.94
N ALA A 131 5.59 -9.12 -12.64
CA ALA A 131 4.32 -8.51 -13.04
C ALA A 131 3.60 -9.44 -14.03
N GLU A 132 4.36 -10.32 -14.66
CA GLU A 132 3.76 -11.23 -15.64
C GLU A 132 2.92 -12.31 -14.95
N MET A 133 3.14 -12.55 -13.67
CA MET A 133 2.40 -13.59 -12.98
C MET A 133 0.90 -13.37 -12.85
N PHE A 134 0.49 -12.17 -12.42
CA PHE A 134 -0.94 -11.90 -12.26
C PHE A 134 -1.38 -10.59 -12.91
N ILE A 135 -0.56 -9.55 -12.79
CA ILE A 135 -0.91 -8.24 -13.34
C ILE A 135 -1.07 -8.16 -14.85
N GLN A 136 -0.08 -8.69 -15.58
CA GLN A 136 -0.10 -8.66 -17.05
C GLN A 136 -1.41 -9.19 -17.62
N GLY A 137 -1.89 -10.30 -17.07
CA GLY A 137 -3.12 -10.93 -17.54
C GLY A 137 -4.39 -10.15 -17.25
N ALA A 138 -4.34 -9.29 -16.24
CA ALA A 138 -5.49 -8.50 -15.85
C ALA A 138 -5.46 -7.08 -16.39
N ALA A 139 -4.32 -6.65 -16.93
CA ALA A 139 -4.15 -5.29 -17.44
C ALA A 139 -5.23 -4.73 -18.37
N ASP A 140 -5.58 -5.46 -19.43
CA ASP A 140 -6.61 -4.95 -20.33
C ASP A 140 -7.96 -4.80 -19.64
N GLU A 141 -8.35 -5.77 -18.83
CA GLU A 141 -9.63 -5.69 -18.12
C GLU A 141 -9.62 -4.55 -17.09
N ILE A 142 -8.46 -4.29 -16.50
CA ILE A 142 -8.35 -3.22 -15.50
C ILE A 142 -8.44 -1.87 -16.22
N ALA A 143 -7.81 -1.75 -17.40
CA ALA A 143 -7.91 -0.48 -18.12
C ALA A 143 -9.39 -0.24 -18.51
N ARG A 144 -10.04 -1.28 -19.03
CA ARG A 144 -11.44 -1.15 -19.44
C ARG A 144 -12.33 -0.82 -18.25
N MET A 145 -12.05 -1.42 -17.10
CA MET A 145 -12.80 -1.14 -15.89
C MET A 145 -12.63 0.33 -15.56
N GLY A 146 -11.41 0.85 -15.70
CA GLY A 146 -11.17 2.26 -15.44
C GLY A 146 -12.04 3.17 -16.32
N VAL A 147 -12.08 2.89 -17.61
CA VAL A 147 -12.87 3.69 -18.51
C VAL A 147 -14.34 3.74 -18.05
N ASP A 148 -14.87 2.60 -17.60
CA ASP A 148 -16.26 2.52 -17.13
C ASP A 148 -16.52 3.13 -15.76
N LEU A 149 -15.46 3.42 -15.01
CA LEU A 149 -15.61 4.06 -13.69
C LEU A 149 -15.41 5.55 -13.87
N GLY A 150 -15.24 5.99 -15.11
CA GLY A 150 -15.05 7.40 -15.36
C GLY A 150 -13.65 7.88 -15.09
N VAL A 151 -12.69 6.95 -15.03
CA VAL A 151 -11.30 7.36 -14.77
C VAL A 151 -10.76 8.10 -15.98
N LYS A 152 -10.12 9.24 -15.74
CA LYS A 152 -9.58 10.04 -16.83
C LYS A 152 -8.06 10.17 -16.84
N ASN A 153 -7.39 9.64 -15.81
CA ASN A 153 -5.92 9.72 -15.69
C ASN A 153 -5.37 8.32 -15.44
N TYR A 154 -4.38 7.92 -16.26
CA TYR A 154 -3.78 6.59 -16.18
C TYR A 154 -2.27 6.64 -16.14
N VAL A 155 -1.67 5.63 -15.50
CA VAL A 155 -0.23 5.47 -15.41
C VAL A 155 0.03 4.18 -16.17
N GLY A 156 0.92 4.25 -17.16
CA GLY A 156 1.24 3.07 -17.94
C GLY A 156 2.53 2.42 -17.44
N PRO A 157 2.79 1.18 -17.86
CA PRO A 157 3.99 0.47 -17.43
C PRO A 157 5.24 0.94 -18.17
N SER A 158 6.39 0.74 -17.53
CA SER A 158 7.66 1.08 -18.13
C SER A 158 7.84 0.03 -19.21
N THR A 159 7.55 0.39 -20.45
CA THR A 159 7.67 -0.57 -21.55
C THR A 159 7.84 0.14 -22.87
N ARG A 160 7.95 -0.63 -23.95
CA ARG A 160 8.12 -0.07 -25.28
C ARG A 160 6.84 0.63 -25.72
N PRO A 161 6.97 1.67 -26.55
CA PRO A 161 5.82 2.42 -27.04
C PRO A 161 4.69 1.57 -27.62
N GLU A 162 5.03 0.49 -28.35
CA GLU A 162 4.03 -0.38 -28.97
C GLU A 162 2.91 -0.75 -28.02
N ARG A 163 3.27 -1.10 -26.79
CA ARG A 163 2.29 -1.49 -25.78
C ARG A 163 1.44 -0.33 -25.27
N LEU A 164 1.99 0.89 -25.28
CA LEU A 164 1.24 2.07 -24.85
C LEU A 164 0.20 2.39 -25.92
N SER A 165 0.48 1.98 -27.15
CA SER A 165 -0.43 2.20 -28.26
C SER A 165 -1.74 1.47 -27.96
N ARG A 166 -1.62 0.24 -27.49
CA ARG A 166 -2.78 -0.58 -27.15
C ARG A 166 -3.55 0.05 -25.98
N LEU A 167 -2.84 0.46 -24.95
CA LEU A 167 -3.47 1.09 -23.80
C LEU A 167 -4.20 2.37 -24.23
N ARG A 168 -3.55 3.14 -25.11
CA ARG A 168 -4.16 4.38 -25.61
C ARG A 168 -5.46 4.10 -26.36
N GLU A 169 -5.51 3.00 -27.10
CA GLU A 169 -6.72 2.66 -27.84
C GLU A 169 -7.83 2.33 -26.86
N ILE A 170 -7.48 1.71 -25.73
CA ILE A 170 -8.49 1.36 -24.75
C ILE A 170 -9.02 2.59 -24.02
N ILE A 171 -8.13 3.45 -23.54
CA ILE A 171 -8.56 4.62 -22.78
C ILE A 171 -9.03 5.82 -23.58
N GLY A 172 -8.79 5.82 -24.88
CA GLY A 172 -9.24 6.93 -25.69
C GLY A 172 -8.27 8.09 -25.77
N GLN A 173 -8.54 8.97 -26.74
CA GLN A 173 -7.72 10.14 -26.99
C GLN A 173 -7.85 11.20 -25.91
N ASP A 174 -9.00 11.25 -25.25
CA ASP A 174 -9.22 12.28 -24.25
C ASP A 174 -8.57 12.06 -22.88
N SER A 175 -8.31 10.80 -22.53
CA SER A 175 -7.70 10.50 -21.23
C SER A 175 -6.26 10.98 -21.18
N PHE A 176 -5.79 11.23 -19.96
CA PHE A 176 -4.43 11.67 -19.74
C PHE A 176 -3.58 10.46 -19.33
N LEU A 177 -2.47 10.24 -20.05
CA LEU A 177 -1.62 9.09 -19.77
C LEU A 177 -0.16 9.48 -19.48
N ILE A 178 0.38 8.93 -18.41
CA ILE A 178 1.77 9.19 -18.04
C ILE A 178 2.49 7.85 -17.94
N SER A 179 3.76 7.85 -18.30
CA SER A 179 4.51 6.62 -18.28
C SER A 179 5.99 6.86 -18.15
N PRO A 180 6.72 5.90 -17.56
CA PRO A 180 8.17 6.02 -17.38
C PRO A 180 8.77 6.00 -18.78
N GLY A 190 10.63 10.09 -25.90
CA GLY A 190 10.57 10.44 -27.30
C GLY A 190 9.48 9.66 -28.01
N GLU A 191 9.72 8.36 -28.20
CA GLU A 191 8.75 7.49 -28.84
C GLU A 191 7.60 7.26 -27.86
N THR A 192 7.91 7.27 -26.57
CA THR A 192 6.91 7.10 -25.52
C THR A 192 5.86 8.21 -25.63
N LEU A 193 6.34 9.42 -25.91
CA LEU A 193 5.46 10.58 -26.04
C LEU A 193 4.58 10.53 -27.28
N ARG A 194 4.69 9.45 -28.06
CA ARG A 194 3.80 9.32 -29.21
C ARG A 194 2.44 8.89 -28.65
N PHE A 195 2.46 8.22 -27.50
CA PHE A 195 1.24 7.72 -26.88
C PHE A 195 0.90 8.32 -25.50
N ALA A 196 1.92 8.58 -24.69
CA ALA A 196 1.73 9.16 -23.36
C ALA A 196 1.76 10.70 -23.43
N ASP A 197 0.99 11.36 -22.56
CA ASP A 197 0.97 12.80 -22.52
C ASP A 197 2.24 13.33 -21.82
N ALA A 198 2.81 12.53 -20.92
CA ALA A 198 4.02 12.95 -20.22
C ALA A 198 4.88 11.73 -19.89
N ILE A 199 6.19 11.92 -19.79
CA ILE A 199 7.06 10.82 -19.45
C ILE A 199 7.58 11.08 -18.03
N ILE A 200 7.77 10.00 -17.27
CA ILE A 200 8.25 10.08 -15.89
C ILE A 200 9.73 9.71 -15.84
N VAL A 201 10.56 10.57 -15.26
CA VAL A 201 12.01 10.32 -15.18
C VAL A 201 12.46 10.53 -13.75
N GLY A 202 13.26 9.58 -13.26
CA GLY A 202 13.72 9.63 -11.90
C GLY A 202 15.21 9.78 -11.76
N ARG A 203 15.88 8.64 -11.56
CA ARG A 203 17.33 8.58 -11.34
C ARG A 203 18.25 9.41 -12.25
N SER A 204 18.02 9.38 -13.56
CA SER A 204 18.91 10.15 -14.44
C SER A 204 18.88 11.64 -14.11
N ILE A 205 17.87 12.07 -13.37
CA ILE A 205 17.78 13.47 -12.97
C ILE A 205 18.17 13.63 -11.51
N TYR A 206 17.53 12.90 -10.61
CA TYR A 206 17.83 13.12 -9.20
C TYR A 206 19.17 12.63 -8.67
N LEU A 207 19.86 11.75 -9.40
CA LEU A 207 21.19 11.32 -8.94
C LEU A 207 22.25 12.07 -9.74
N ALA A 208 21.84 12.91 -10.68
CA ALA A 208 22.79 13.66 -11.50
C ALA A 208 23.59 14.65 -10.67
N ASP A 209 24.84 14.86 -11.05
CA ASP A 209 25.65 15.83 -10.34
C ASP A 209 25.05 17.21 -10.67
N ASN A 210 24.48 17.33 -11.88
CA ASN A 210 23.84 18.57 -12.31
C ASN A 210 22.41 18.22 -12.79
N PRO A 211 21.47 18.17 -11.85
CA PRO A 211 20.06 17.85 -12.12
C PRO A 211 19.44 18.78 -13.17
N ALA A 212 19.72 20.07 -13.08
CA ALA A 212 19.17 21.03 -14.04
C ALA A 212 19.62 20.68 -15.46
N ALA A 213 20.92 20.44 -15.66
CA ALA A 213 21.43 20.10 -16.98
C ALA A 213 20.82 18.80 -17.50
N ALA A 214 20.58 17.84 -16.60
CA ALA A 214 19.99 16.58 -17.00
C ALA A 214 18.55 16.82 -17.51
N ALA A 215 17.76 17.57 -16.74
CA ALA A 215 16.39 17.86 -17.15
C ALA A 215 16.38 18.66 -18.47
N ALA A 216 17.21 19.69 -18.56
CA ALA A 216 17.28 20.51 -19.78
C ALA A 216 17.60 19.65 -21.00
N GLY A 217 18.49 18.68 -20.84
CA GLY A 217 18.86 17.81 -21.95
C GLY A 217 17.70 16.95 -22.40
N ILE A 218 16.98 16.39 -21.45
CA ILE A 218 15.81 15.56 -21.75
C ILE A 218 14.75 16.33 -22.53
N ILE A 219 14.42 17.51 -22.01
CA ILE A 219 13.42 18.35 -22.64
C ILE A 219 13.80 18.65 -24.09
N GLU A 220 15.07 18.44 -24.42
CA GLU A 220 15.51 18.64 -25.79
C GLU A 220 15.07 17.40 -26.55
N SER A 221 13.88 17.51 -27.11
CA SER A 221 13.25 16.45 -27.89
C SER A 221 11.96 17.06 -28.43
N VAL B 11 0.25 -12.64 19.11
CA VAL B 11 0.80 -13.89 19.72
C VAL B 11 0.25 -14.12 21.13
N MET B 12 0.32 -13.12 22.01
CA MET B 12 -0.20 -13.30 23.36
C MET B 12 -1.71 -13.49 23.31
N ASN B 13 -2.16 -14.64 23.81
CA ASN B 13 -3.58 -14.98 23.84
C ASN B 13 -4.20 -15.18 22.46
N ARG B 14 -3.36 -15.35 21.44
CA ARG B 14 -3.83 -15.55 20.08
C ARG B 14 -4.77 -14.43 19.64
N LEU B 15 -4.62 -13.25 20.22
CA LEU B 15 -5.48 -12.11 19.91
C LEU B 15 -4.72 -10.86 19.49
N ILE B 16 -4.99 -10.40 18.27
CA ILE B 16 -4.35 -9.21 17.74
C ILE B 16 -5.35 -8.07 17.61
N LEU B 17 -4.97 -6.91 18.14
CA LEU B 17 -5.82 -5.74 18.07
C LEU B 17 -5.64 -4.97 16.78
N ALA B 18 -6.75 -4.74 16.07
CA ALA B 18 -6.72 -3.96 14.84
C ALA B 18 -7.03 -2.53 15.27
N MET B 19 -6.00 -1.75 15.54
CA MET B 19 -6.19 -0.36 15.95
C MET B 19 -6.41 0.49 14.71
N ASP B 20 -7.67 0.62 14.29
CA ASP B 20 -7.98 1.35 13.08
C ASP B 20 -8.44 2.79 13.26
N LEU B 21 -8.53 3.24 14.51
CA LEU B 21 -8.93 4.62 14.78
C LEU B 21 -7.85 5.56 14.23
N MET B 22 -8.24 6.75 13.81
CA MET B 22 -7.27 7.68 13.23
C MET B 22 -6.71 8.75 14.15
N ASN B 23 -7.32 8.93 15.32
CA ASN B 23 -6.82 9.94 16.25
C ASN B 23 -5.83 9.29 17.22
N ARG B 24 -4.68 9.94 17.40
CA ARG B 24 -3.65 9.45 18.29
C ARG B 24 -4.10 9.18 19.72
N ASP B 25 -4.84 10.10 20.32
CA ASP B 25 -5.30 9.94 21.71
C ASP B 25 -6.04 8.64 22.01
N ASP B 26 -7.13 8.39 21.27
CA ASP B 26 -7.92 7.18 21.49
C ASP B 26 -7.15 5.91 21.18
N ALA B 27 -6.34 5.94 20.13
CA ALA B 27 -5.54 4.78 19.73
C ALA B 27 -4.63 4.39 20.87
N LEU B 28 -3.86 5.34 21.37
CA LEU B 28 -2.94 5.08 22.47
C LEU B 28 -3.72 4.67 23.73
N ARG B 29 -4.80 5.37 24.00
CA ARG B 29 -5.63 5.07 25.17
C ARG B 29 -6.15 3.63 25.14
N VAL B 30 -6.87 3.28 24.08
CA VAL B 30 -7.43 1.94 23.95
C VAL B 30 -6.37 0.83 24.00
N THR B 31 -5.29 1.02 23.26
CA THR B 31 -4.23 0.01 23.24
C THR B 31 -3.68 -0.19 24.66
N GLY B 32 -3.48 0.90 25.39
CA GLY B 32 -2.98 0.79 26.75
C GLY B 32 -3.91 0.02 27.67
N GLU B 33 -5.20 0.29 27.56
CA GLU B 33 -6.22 -0.38 28.38
C GLU B 33 -6.30 -1.90 28.20
N VAL B 34 -6.01 -2.38 26.99
CA VAL B 34 -6.10 -3.81 26.73
C VAL B 34 -4.75 -4.49 26.84
N ARG B 35 -3.68 -3.72 27.01
CA ARG B 35 -2.33 -4.29 27.07
C ARG B 35 -2.16 -5.50 27.97
N GLU B 36 -2.98 -5.63 28.99
CA GLU B 36 -2.86 -6.78 29.88
C GLU B 36 -3.20 -8.07 29.14
N TYR B 37 -4.07 -7.98 28.13
CA TYR B 37 -4.48 -9.16 27.39
C TYR B 37 -3.90 -9.26 25.97
N ILE B 38 -3.62 -8.12 25.37
CA ILE B 38 -3.09 -8.05 24.01
C ILE B 38 -1.74 -7.34 23.95
N ASP B 39 -0.75 -7.94 23.30
CA ASP B 39 0.57 -7.33 23.16
C ASP B 39 0.93 -7.12 21.68
N THR B 40 0.05 -7.56 20.78
CA THR B 40 0.31 -7.43 19.33
C THR B 40 -0.79 -6.57 18.73
N VAL B 41 -0.39 -5.48 18.07
CA VAL B 41 -1.35 -4.55 17.48
C VAL B 41 -1.09 -4.34 15.98
N LYS B 42 -2.16 -4.30 15.19
CA LYS B 42 -2.01 -4.06 13.76
C LYS B 42 -2.40 -2.61 13.46
N ILE B 43 -1.52 -1.89 12.77
CA ILE B 43 -1.78 -0.49 12.41
C ILE B 43 -1.68 -0.25 10.90
N GLY B 44 -2.58 0.55 10.37
CA GLY B 44 -2.58 0.84 8.94
C GLY B 44 -2.14 2.25 8.58
N TYR B 45 -2.20 2.55 7.28
CA TYR B 45 -1.79 3.86 6.79
C TYR B 45 -2.57 5.07 7.29
N PRO B 46 -3.90 4.96 7.41
CA PRO B 46 -4.61 6.15 7.90
C PRO B 46 -4.03 6.77 9.16
N LEU B 47 -3.81 5.96 10.18
CA LEU B 47 -3.25 6.48 11.43
C LEU B 47 -1.83 6.98 11.23
N VAL B 48 -1.01 6.19 10.55
CA VAL B 48 0.38 6.54 10.30
C VAL B 48 0.59 7.79 9.45
N LEU B 49 -0.22 7.94 8.40
CA LEU B 49 -0.09 9.10 7.53
C LEU B 49 -0.59 10.37 8.22
N SER B 50 -1.58 10.22 9.10
CA SER B 50 -2.13 11.36 9.81
C SER B 50 -1.30 11.76 11.01
N GLU B 51 -0.73 10.79 11.74
CA GLU B 51 0.05 11.08 12.93
C GLU B 51 1.57 10.96 12.81
N GLY B 52 2.05 10.35 11.72
CA GLY B 52 3.47 10.19 11.52
C GLY B 52 3.93 8.77 11.88
N MET B 53 5.03 8.33 11.28
CA MET B 53 5.53 6.98 11.56
C MET B 53 6.05 6.88 12.97
N ASP B 54 6.29 8.02 13.62
CA ASP B 54 6.77 8.04 15.00
C ASP B 54 5.82 7.34 15.96
N ILE B 55 4.54 7.27 15.59
CA ILE B 55 3.55 6.64 16.42
C ILE B 55 3.84 5.14 16.60
N ILE B 56 4.55 4.52 15.65
CA ILE B 56 4.89 3.12 15.77
C ILE B 56 5.86 2.93 16.93
N ALA B 57 6.92 3.74 16.96
CA ALA B 57 7.90 3.65 18.02
C ALA B 57 7.22 3.94 19.36
N GLU B 58 6.21 4.81 19.32
CA GLU B 58 5.47 5.17 20.52
C GLU B 58 4.72 3.96 21.10
N PHE B 59 4.08 3.18 20.23
CA PHE B 59 3.35 1.99 20.69
C PHE B 59 4.35 1.01 21.29
N ARG B 60 5.48 0.84 20.60
CA ARG B 60 6.50 -0.09 21.06
C ARG B 60 7.20 0.35 22.34
N LYS B 61 7.69 1.58 22.35
CA LYS B 61 8.40 2.10 23.50
C LYS B 61 7.52 2.25 24.73
N ARG B 62 6.27 2.69 24.53
CA ARG B 62 5.36 2.89 25.66
C ARG B 62 4.67 1.65 26.23
N PHE B 63 4.23 0.73 25.36
CA PHE B 63 3.54 -0.46 25.86
C PHE B 63 4.28 -1.77 25.65
N GLY B 64 5.40 -1.74 24.96
CA GLY B 64 6.13 -2.97 24.67
C GLY B 64 5.35 -3.81 23.68
N CYS B 65 4.52 -3.16 22.88
CA CYS B 65 3.68 -3.82 21.87
C CYS B 65 4.47 -4.31 20.65
N ARG B 66 3.99 -5.38 20.04
CA ARG B 66 4.58 -5.89 18.79
C ARG B 66 3.69 -5.20 17.77
N ILE B 67 4.26 -4.63 16.73
CA ILE B 67 3.44 -3.92 15.76
C ILE B 67 3.51 -4.56 14.38
N ILE B 68 2.34 -4.70 13.76
CA ILE B 68 2.24 -5.25 12.41
C ILE B 68 1.76 -4.06 11.56
N ALA B 69 2.58 -3.62 10.60
CA ALA B 69 2.16 -2.52 9.74
C ALA B 69 1.34 -3.10 8.59
N ASP B 70 0.04 -2.79 8.58
CA ASP B 70 -0.86 -3.27 7.55
C ASP B 70 -0.80 -2.29 6.38
N PHE B 71 0.33 -2.31 5.68
CA PHE B 71 0.56 -1.41 4.59
C PHE B 71 0.25 -2.01 3.22
N LYS B 72 -0.02 -3.32 3.18
CA LYS B 72 -0.34 -4.01 1.91
C LYS B 72 0.59 -3.52 0.79
N VAL B 73 1.88 -3.67 1.02
CA VAL B 73 2.90 -3.21 0.10
C VAL B 73 2.66 -3.79 -1.30
N ALA B 74 2.62 -2.93 -2.29
CA ALA B 74 2.31 -3.38 -3.66
C ALA B 74 3.03 -2.63 -4.74
N ASP B 75 4.34 -2.42 -4.58
CA ASP B 75 5.10 -1.67 -5.56
C ASP B 75 6.15 -2.55 -6.25
N ILE B 76 7.02 -1.93 -7.02
CA ILE B 76 8.07 -2.70 -7.68
C ILE B 76 9.09 -3.11 -6.60
N PRO B 77 9.92 -4.13 -6.89
CA PRO B 77 10.93 -4.63 -5.95
C PRO B 77 11.78 -3.55 -5.25
N GLU B 78 12.40 -2.65 -6.01
CA GLU B 78 13.26 -1.62 -5.41
C GLU B 78 12.55 -0.70 -4.42
N THR B 79 11.33 -0.30 -4.78
CA THR B 79 10.55 0.58 -3.93
C THR B 79 10.01 -0.18 -2.75
N ASN B 80 9.62 -1.45 -2.94
CA ASN B 80 9.13 -2.26 -1.82
C ASN B 80 10.25 -2.36 -0.78
N GLU B 81 11.48 -2.51 -1.26
CA GLU B 81 12.61 -2.62 -0.34
C GLU B 81 12.70 -1.39 0.57
N LYS B 82 12.57 -0.20 -0.02
CA LYS B 82 12.66 1.05 0.73
C LYS B 82 11.51 1.24 1.69
N ILE B 83 10.29 0.87 1.27
CA ILE B 83 9.14 0.98 2.15
C ILE B 83 9.33 0.08 3.37
N CYS B 84 9.78 -1.15 3.14
CA CYS B 84 10.00 -2.09 4.23
C CYS B 84 11.08 -1.58 5.18
N ARG B 85 12.19 -1.11 4.61
CA ARG B 85 13.28 -0.59 5.41
C ARG B 85 12.82 0.61 6.24
N ALA B 86 12.10 1.54 5.62
CA ALA B 86 11.62 2.70 6.36
C ALA B 86 10.70 2.25 7.51
N THR B 87 9.85 1.27 7.21
CA THR B 87 8.90 0.76 8.17
C THR B 87 9.54 -0.01 9.32
N PHE B 88 10.52 -0.87 9.03
CA PHE B 88 11.16 -1.60 10.12
C PHE B 88 12.02 -0.64 10.96
N LYS B 89 12.63 0.36 10.32
CA LYS B 89 13.44 1.33 11.04
C LYS B 89 12.56 2.08 12.06
N ALA B 90 11.33 2.39 11.67
CA ALA B 90 10.39 3.08 12.56
C ALA B 90 9.95 2.20 13.74
N GLY B 91 10.26 0.92 13.69
CA GLY B 91 9.90 0.06 14.81
C GLY B 91 8.94 -1.09 14.57
N ALA B 92 8.38 -1.20 13.37
CA ALA B 92 7.44 -2.29 13.09
C ALA B 92 8.13 -3.65 13.16
N ASP B 93 7.48 -4.59 13.81
CA ASP B 93 7.98 -5.95 13.91
C ASP B 93 7.68 -6.78 12.66
N ALA B 94 6.63 -6.39 11.95
CA ALA B 94 6.26 -7.11 10.74
C ALA B 94 5.50 -6.19 9.80
N ILE B 95 5.45 -6.56 8.52
CA ILE B 95 4.71 -5.74 7.54
C ILE B 95 3.85 -6.67 6.65
N ILE B 96 2.65 -6.22 6.31
CA ILE B 96 1.77 -7.00 5.44
C ILE B 96 2.05 -6.58 4.00
N VAL B 97 2.22 -7.57 3.13
CA VAL B 97 2.59 -7.35 1.72
C VAL B 97 1.61 -8.05 0.75
N HIS B 98 1.27 -7.39 -0.35
CA HIS B 98 0.39 -7.98 -1.37
C HIS B 98 1.21 -8.97 -2.23
N GLY B 99 0.57 -10.05 -2.66
CA GLY B 99 1.25 -11.00 -3.52
C GLY B 99 0.90 -10.80 -5.00
N PHE B 100 -0.19 -10.10 -5.29
CA PHE B 100 -0.60 -9.89 -6.70
C PHE B 100 0.51 -9.31 -7.58
N PRO B 101 1.32 -8.35 -7.06
CA PRO B 101 2.40 -7.80 -7.90
C PRO B 101 3.49 -8.82 -8.31
N GLY B 102 3.45 -10.03 -7.74
CA GLY B 102 4.46 -11.01 -8.13
C GLY B 102 5.55 -11.42 -7.14
N ALA B 103 6.26 -12.48 -7.51
CA ALA B 103 7.31 -13.05 -6.68
C ALA B 103 8.49 -12.13 -6.35
N ASP B 104 9.02 -11.41 -7.34
CA ASP B 104 10.15 -10.53 -7.09
C ASP B 104 9.79 -9.40 -6.12
N SER B 105 8.58 -8.87 -6.23
CA SER B 105 8.16 -7.81 -5.32
C SER B 105 8.04 -8.32 -3.89
N VAL B 106 7.60 -9.57 -3.73
CA VAL B 106 7.45 -10.15 -2.41
C VAL B 106 8.85 -10.48 -1.88
N ARG B 107 9.70 -11.01 -2.75
CA ARG B 107 11.05 -11.38 -2.34
C ARG B 107 11.84 -10.17 -1.85
N ALA B 108 11.61 -9.02 -2.47
CA ALA B 108 12.32 -7.80 -2.06
C ALA B 108 12.02 -7.53 -0.57
N CYS B 109 10.78 -7.73 -0.18
CA CYS B 109 10.35 -7.51 1.21
C CYS B 109 10.99 -8.53 2.14
N LEU B 110 11.00 -9.79 1.70
CA LEU B 110 11.59 -10.86 2.51
C LEU B 110 13.08 -10.59 2.75
N ASN B 111 13.77 -10.09 1.72
CA ASN B 111 15.20 -9.80 1.84
C ASN B 111 15.49 -8.72 2.88
N VAL B 112 14.66 -7.66 2.90
CA VAL B 112 14.86 -6.60 3.89
C VAL B 112 14.51 -7.13 5.28
N ALA B 113 13.46 -7.95 5.37
CA ALA B 113 13.05 -8.50 6.68
C ALA B 113 14.16 -9.41 7.19
N GLU B 114 14.79 -10.15 6.28
CA GLU B 114 15.89 -11.04 6.67
C GLU B 114 17.06 -10.21 7.22
N GLU B 115 17.45 -9.17 6.47
CA GLU B 115 18.56 -8.31 6.87
C GLU B 115 18.36 -7.67 8.24
N MET B 116 17.14 -7.22 8.50
CA MET B 116 16.82 -6.51 9.73
C MET B 116 16.24 -7.33 10.89
N GLY B 117 16.04 -8.62 10.65
CA GLY B 117 15.49 -9.49 11.67
C GLY B 117 14.01 -9.26 11.93
N ARG B 118 13.24 -8.97 10.89
CA ARG B 118 11.80 -8.72 11.06
C ARG B 118 11.01 -9.76 10.28
N GLU B 119 9.69 -9.57 10.18
CA GLU B 119 8.83 -10.53 9.50
C GLU B 119 7.93 -9.92 8.41
N VAL B 120 7.61 -10.75 7.41
CA VAL B 120 6.73 -10.36 6.33
C VAL B 120 5.50 -11.24 6.43
N PHE B 121 4.31 -10.64 6.29
CA PHE B 121 3.04 -11.37 6.25
C PHE B 121 2.50 -11.21 4.82
N LEU B 122 2.21 -12.32 4.14
CA LEU B 122 1.71 -12.24 2.78
C LEU B 122 0.19 -12.20 2.77
N LEU B 123 -0.38 -11.21 2.08
CA LEU B 123 -1.84 -11.12 1.94
C LEU B 123 -2.18 -11.87 0.66
N THR B 124 -2.90 -12.99 0.76
CA THR B 124 -3.18 -13.81 -0.42
C THR B 124 -4.51 -13.58 -1.10
N GLU B 125 -5.46 -13.02 -0.37
CA GLU B 125 -6.76 -12.76 -0.94
C GLU B 125 -7.49 -11.70 -0.13
N MET B 126 -8.55 -11.14 -0.69
CA MET B 126 -9.34 -10.13 -0.01
C MET B 126 -10.80 -10.57 -0.17
N SER B 127 -11.70 -10.00 0.63
CA SER B 127 -13.10 -10.41 0.57
C SER B 127 -14.09 -9.28 0.46
N HIS B 128 -13.61 -8.08 0.17
CA HIS B 128 -14.47 -6.90 0.02
C HIS B 128 -15.15 -6.90 -1.36
N PRO B 129 -16.22 -6.10 -1.53
CA PRO B 129 -16.90 -6.07 -2.83
C PRO B 129 -15.89 -5.71 -3.93
N GLY B 130 -15.84 -6.49 -5.00
CA GLY B 130 -14.88 -6.19 -6.05
C GLY B 130 -13.67 -7.12 -6.02
N ALA B 131 -13.43 -7.75 -4.88
CA ALA B 131 -12.31 -8.70 -4.77
C ALA B 131 -12.50 -9.88 -5.72
N GLU B 132 -13.75 -10.10 -6.15
CA GLU B 132 -14.04 -11.22 -7.03
C GLU B 132 -13.60 -10.97 -8.48
N MET B 133 -13.40 -9.71 -8.83
CA MET B 133 -13.01 -9.38 -10.19
C MET B 133 -11.65 -9.96 -10.59
N PHE B 134 -10.64 -9.81 -9.73
CA PHE B 134 -9.31 -10.32 -10.05
C PHE B 134 -8.59 -11.09 -8.93
N ILE B 135 -8.79 -10.67 -7.69
CA ILE B 135 -8.10 -11.32 -6.57
C ILE B 135 -8.54 -12.74 -6.23
N GLN B 136 -9.85 -12.93 -6.11
CA GLN B 136 -10.42 -14.22 -5.79
C GLN B 136 -9.90 -15.32 -6.71
N GLY B 137 -9.87 -15.05 -8.01
CA GLY B 137 -9.40 -16.03 -8.96
C GLY B 137 -7.92 -16.36 -8.86
N ALA B 138 -7.14 -15.43 -8.29
CA ALA B 138 -5.71 -15.64 -8.14
C ALA B 138 -5.28 -16.10 -6.74
N ALA B 139 -6.18 -16.05 -5.76
CA ALA B 139 -5.86 -16.40 -4.37
C ALA B 139 -5.02 -17.66 -4.15
N ASP B 140 -5.48 -18.81 -4.64
CA ASP B 140 -4.71 -20.03 -4.44
C ASP B 140 -3.32 -19.97 -5.04
N GLU B 141 -3.20 -19.44 -6.26
CA GLU B 141 -1.91 -19.34 -6.92
C GLU B 141 -0.96 -18.41 -6.17
N ILE B 142 -1.50 -17.32 -5.60
CA ILE B 142 -0.66 -16.39 -4.84
C ILE B 142 -0.17 -17.05 -3.55
N ALA B 143 -1.04 -17.82 -2.90
CA ALA B 143 -0.64 -18.50 -1.66
C ALA B 143 0.44 -19.55 -1.99
N ARG B 144 0.28 -20.26 -3.10
CA ARG B 144 1.27 -21.26 -3.48
C ARG B 144 2.58 -20.59 -3.85
N MET B 145 2.49 -19.36 -4.36
CA MET B 145 3.70 -18.59 -4.70
C MET B 145 4.41 -18.31 -3.39
N GLY B 146 3.63 -17.94 -2.38
CA GLY B 146 4.20 -17.66 -1.07
C GLY B 146 4.94 -18.87 -0.51
N VAL B 147 4.32 -20.03 -0.63
CA VAL B 147 4.96 -21.27 -0.15
C VAL B 147 6.28 -21.45 -0.90
N ASP B 148 6.28 -21.29 -2.22
CA ASP B 148 7.49 -21.42 -3.03
C ASP B 148 8.59 -20.41 -2.67
N LEU B 149 8.19 -19.26 -2.17
CA LEU B 149 9.14 -18.21 -1.76
C LEU B 149 9.63 -18.41 -0.31
N GLY B 150 9.05 -19.38 0.39
CA GLY B 150 9.45 -19.63 1.76
C GLY B 150 8.79 -18.69 2.75
N VAL B 151 7.68 -18.08 2.34
CA VAL B 151 6.94 -17.19 3.21
C VAL B 151 6.37 -18.07 4.31
N LYS B 152 6.48 -17.61 5.55
CA LYS B 152 6.01 -18.39 6.68
C LYS B 152 4.85 -17.79 7.44
N ASN B 153 4.51 -16.54 7.13
CA ASN B 153 3.42 -15.82 7.79
C ASN B 153 2.42 -15.34 6.76
N TYR B 154 1.15 -15.61 7.03
CA TYR B 154 0.07 -15.23 6.15
C TYR B 154 -1.05 -14.52 6.87
N VAL B 155 -1.75 -13.64 6.17
CA VAL B 155 -2.90 -12.96 6.76
C VAL B 155 -4.05 -13.31 5.84
N GLY B 156 -5.11 -13.88 6.41
CA GLY B 156 -6.27 -14.31 5.63
C GLY B 156 -7.38 -13.30 5.46
N PRO B 157 -8.36 -13.58 4.60
CA PRO B 157 -9.48 -12.67 4.37
C PRO B 157 -10.41 -12.58 5.56
N SER B 158 -11.22 -11.53 5.58
CA SER B 158 -12.18 -11.26 6.65
C SER B 158 -13.43 -12.11 6.66
N THR B 159 -13.80 -12.71 5.53
CA THR B 159 -15.02 -13.48 5.53
C THR B 159 -14.87 -14.93 5.07
N ARG B 160 -15.91 -15.70 5.37
CA ARG B 160 -15.99 -17.11 5.00
C ARG B 160 -14.93 -18.04 5.56
N PRO B 161 -15.25 -18.74 6.66
CA PRO B 161 -14.27 -19.66 7.23
C PRO B 161 -13.99 -20.82 6.26
N GLU B 162 -14.86 -21.02 5.27
CA GLU B 162 -14.64 -22.09 4.31
C GLU B 162 -13.40 -21.73 3.48
N ARG B 163 -13.07 -20.44 3.45
CA ARG B 163 -11.89 -19.96 2.70
C ARG B 163 -10.63 -20.10 3.55
N LEU B 164 -10.78 -20.12 4.88
CA LEU B 164 -9.61 -20.27 5.74
C LEU B 164 -9.09 -21.69 5.71
N SER B 165 -10.01 -22.65 5.66
CA SER B 165 -9.62 -24.04 5.64
C SER B 165 -8.78 -24.32 4.40
N ARG B 166 -9.16 -23.69 3.29
CA ARG B 166 -8.48 -23.84 2.01
C ARG B 166 -7.07 -23.24 2.09
N LEU B 167 -7.00 -22.02 2.61
CA LEU B 167 -5.72 -21.35 2.75
C LEU B 167 -4.81 -22.20 3.65
N ARG B 168 -5.34 -22.65 4.78
CA ARG B 168 -4.54 -23.46 5.70
C ARG B 168 -4.03 -24.70 4.99
N GLU B 169 -4.88 -25.31 4.16
CA GLU B 169 -4.48 -26.50 3.44
C GLU B 169 -3.28 -26.22 2.53
N ILE B 170 -3.30 -25.09 1.84
CA ILE B 170 -2.21 -24.71 0.94
C ILE B 170 -0.91 -24.33 1.67
N ILE B 171 -1.01 -23.54 2.73
CA ILE B 171 0.21 -23.11 3.42
C ILE B 171 0.79 -24.16 4.35
N GLY B 172 -0.01 -25.14 4.71
CA GLY B 172 0.48 -26.19 5.58
C GLY B 172 0.34 -25.86 7.05
N GLN B 173 0.64 -26.84 7.89
CA GLN B 173 0.56 -26.69 9.33
C GLN B 173 1.70 -25.88 9.94
N ASP B 174 2.84 -25.85 9.26
CA ASP B 174 4.01 -25.12 9.77
C ASP B 174 4.00 -23.62 9.55
N SER B 175 3.04 -23.10 8.79
CA SER B 175 2.98 -21.65 8.58
C SER B 175 2.10 -20.98 9.63
N PHE B 176 2.32 -19.68 9.82
CA PHE B 176 1.59 -18.87 10.80
C PHE B 176 0.52 -18.09 10.04
N LEU B 177 -0.73 -18.21 10.49
CA LEU B 177 -1.85 -17.54 9.84
C LEU B 177 -2.69 -16.70 10.80
N ILE B 178 -2.90 -15.43 10.45
CA ILE B 178 -3.72 -14.54 11.26
C ILE B 178 -4.89 -14.11 10.41
N SER B 179 -6.07 -14.01 11.01
CA SER B 179 -7.24 -13.65 10.24
C SER B 179 -8.26 -12.91 11.06
N PRO B 180 -9.05 -12.03 10.41
CA PRO B 180 -10.09 -11.28 11.13
C PRO B 180 -11.15 -12.33 11.46
N GLY B 181 -12.18 -11.93 12.19
CA GLY B 181 -13.24 -12.88 12.52
C GLY B 181 -14.30 -12.94 11.45
N GLY B 187 -19.80 -17.86 15.22
CA GLY B 187 -19.19 -18.83 16.13
C GLY B 187 -17.76 -18.48 16.47
N ASP B 188 -17.44 -17.19 16.50
CA ASP B 188 -16.09 -16.76 16.82
C ASP B 188 -15.91 -16.50 18.32
N PRO B 189 -14.66 -16.58 18.80
CA PRO B 189 -13.41 -16.86 18.08
C PRO B 189 -13.18 -18.30 17.64
N GLY B 190 -13.89 -19.25 18.25
CA GLY B 190 -13.73 -20.66 17.91
C GLY B 190 -13.63 -20.97 16.43
N GLU B 191 -14.63 -20.57 15.66
CA GLU B 191 -14.64 -20.82 14.22
C GLU B 191 -13.33 -20.46 13.52
N THR B 192 -12.87 -19.23 13.74
CA THR B 192 -11.64 -18.74 13.11
C THR B 192 -10.39 -19.47 13.56
N LEU B 193 -10.29 -19.74 14.85
CA LEU B 193 -9.11 -20.41 15.37
C LEU B 193 -9.00 -21.89 15.00
N ARG B 194 -9.99 -22.42 14.31
CA ARG B 194 -9.91 -23.81 13.87
C ARG B 194 -8.81 -23.86 12.80
N PHE B 195 -8.57 -22.74 12.11
CA PHE B 195 -7.58 -22.71 11.04
C PHE B 195 -6.46 -21.68 11.22
N ALA B 196 -6.80 -20.52 11.75
CA ALA B 196 -5.83 -19.45 12.00
C ALA B 196 -5.18 -19.66 13.37
N ASP B 197 -3.96 -19.16 13.51
CA ASP B 197 -3.20 -19.28 14.74
C ASP B 197 -3.58 -18.15 15.69
N ALA B 198 -4.11 -17.07 15.11
CA ALA B 198 -4.53 -15.93 15.90
C ALA B 198 -5.60 -15.16 15.14
N ILE B 199 -6.51 -14.56 15.90
CA ILE B 199 -7.59 -13.80 15.31
C ILE B 199 -7.34 -12.30 15.48
N ILE B 200 -7.72 -11.54 14.46
CA ILE B 200 -7.58 -10.09 14.46
C ILE B 200 -8.97 -9.52 14.77
N VAL B 201 -9.03 -8.68 15.80
CA VAL B 201 -10.27 -8.04 16.24
C VAL B 201 -10.08 -6.55 16.41
N GLY B 202 -10.97 -5.78 15.78
CA GLY B 202 -10.89 -4.33 15.87
C GLY B 202 -12.04 -3.68 16.61
N ARG B 203 -13.04 -3.21 15.87
CA ARG B 203 -14.21 -2.55 16.44
C ARG B 203 -14.78 -3.09 17.75
N SER B 204 -15.02 -4.40 17.82
CA SER B 204 -15.58 -5.01 19.02
C SER B 204 -14.79 -4.71 20.28
N ILE B 205 -13.54 -4.34 20.11
CA ILE B 205 -12.70 -4.02 21.25
C ILE B 205 -12.54 -2.52 21.40
N TYR B 206 -12.09 -1.84 20.35
CA TYR B 206 -11.87 -0.40 20.45
C TYR B 206 -13.10 0.49 20.43
N LEU B 207 -14.28 -0.06 20.16
CA LEU B 207 -15.50 0.74 20.18
C LEU B 207 -16.35 0.34 21.38
N ALA B 208 -15.86 -0.63 22.15
CA ALA B 208 -16.56 -1.09 23.33
C ALA B 208 -16.41 -0.03 24.42
N ASP B 209 -17.39 0.03 25.34
CA ASP B 209 -17.32 1.00 26.42
C ASP B 209 -16.18 0.68 27.37
N ASN B 210 -15.93 -0.61 27.54
CA ASN B 210 -14.85 -1.08 28.40
C ASN B 210 -13.99 -2.01 27.54
N PRO B 211 -13.15 -1.42 26.66
CA PRO B 211 -12.28 -2.20 25.78
C PRO B 211 -11.63 -3.37 26.50
N ALA B 212 -11.05 -3.08 27.66
CA ALA B 212 -10.38 -4.08 28.47
C ALA B 212 -11.32 -5.25 28.78
N ALA B 213 -12.58 -4.92 29.03
CA ALA B 213 -13.57 -5.95 29.34
C ALA B 213 -13.86 -6.80 28.10
N ALA B 214 -13.92 -6.14 26.94
CA ALA B 214 -14.19 -6.84 25.68
C ALA B 214 -13.05 -7.82 25.37
N ALA B 215 -11.81 -7.36 25.50
CA ALA B 215 -10.65 -8.21 25.23
C ALA B 215 -10.63 -9.38 26.23
N ALA B 216 -10.76 -9.05 27.51
CA ALA B 216 -10.77 -10.07 28.54
C ALA B 216 -11.78 -11.15 28.19
N GLY B 217 -12.99 -10.74 27.78
CA GLY B 217 -14.02 -11.69 27.41
C GLY B 217 -13.60 -12.61 26.29
N ILE B 218 -13.15 -12.01 25.19
CA ILE B 218 -12.69 -12.76 24.02
C ILE B 218 -11.63 -13.78 24.40
N ILE B 219 -10.66 -13.36 25.21
CA ILE B 219 -9.58 -14.23 25.62
C ILE B 219 -10.08 -15.45 26.38
N GLU B 220 -11.14 -15.28 27.16
CA GLU B 220 -11.69 -16.39 27.92
C GLU B 220 -12.22 -17.45 26.96
N SER B 221 -12.99 -17.01 25.97
CA SER B 221 -13.54 -17.92 24.96
C SER B 221 -12.43 -18.74 24.32
N ILE B 222 -11.35 -18.07 23.94
CA ILE B 222 -10.22 -18.74 23.31
C ILE B 222 -9.61 -19.76 24.27
N LYS B 223 -9.59 -19.41 25.55
CA LYS B 223 -9.07 -20.32 26.57
C LYS B 223 -9.85 -21.64 26.55
N ASP B 224 -11.17 -21.53 26.50
CA ASP B 224 -12.08 -22.68 26.48
C ASP B 224 -11.93 -23.61 25.28
N LEU B 225 -11.33 -23.12 24.20
CA LEU B 225 -11.17 -23.93 23.00
C LEU B 225 -10.17 -25.07 23.15
N LEU B 226 -9.18 -24.89 24.03
CA LEU B 226 -8.17 -25.91 24.25
C LEU B 226 -7.50 -26.27 22.92
N ILE B 227 -7.14 -25.24 22.16
CA ILE B 227 -6.50 -25.40 20.87
C ILE B 227 -5.14 -26.09 20.93
N PRO B 228 -5.02 -27.27 20.30
CA PRO B 228 -3.77 -28.04 20.26
C PRO B 228 -2.68 -27.29 19.51
N GLU B 229 -1.46 -27.36 20.01
CA GLU B 229 -0.33 -26.66 19.39
C GLU B 229 -0.65 -25.17 19.30
O3P C5P C . 14.26 6.38 -11.70
P C5P C . 13.73 5.93 -13.00
O1P C5P C . 13.78 6.87 -14.15
O2P C5P C . 14.45 4.62 -13.33
O5' C5P C . 12.22 5.49 -12.78
C5' C5P C . 11.22 6.50 -12.48
C4' C5P C . 9.90 5.85 -12.28
O4' C5P C . 9.67 4.85 -13.30
C3' C5P C . 9.72 5.15 -10.93
O3' C5P C . 9.37 6.06 -9.93
C2' C5P C . 8.65 4.11 -11.20
O2' C5P C . 7.36 4.54 -10.89
C1' C5P C . 8.86 3.79 -12.71
N1 C5P C . 9.42 2.47 -12.88
C2 C5P C . 8.55 1.41 -13.34
N3 C5P C . 9.02 0.14 -13.52
C4 C5P C . 10.33 -0.21 -13.28
C5 C5P C . 11.19 0.78 -12.84
C6 C5P C . 10.82 2.05 -12.63
O2 C5P C . 7.27 1.68 -13.60
N4 C5P C . 10.73 -1.49 -13.48
O3P C5P D . -12.99 -4.07 13.17
P C5P D . -13.03 -5.47 12.74
O1P C5P D . -12.90 -6.50 13.78
O2P C5P D . -14.35 -5.68 11.93
O5' C5P D . -11.91 -5.70 11.63
C5' C5P D . -10.50 -5.62 11.97
C4' C5P D . -9.69 -5.87 10.71
O4' C5P D . -10.43 -6.78 9.85
C3' C5P D . -9.42 -4.63 9.87
O3' C5P D . -8.35 -3.88 10.32
C2' C5P D . -9.25 -5.19 8.47
O2' C5P D . -7.91 -5.50 8.18
C1' C5P D . -10.19 -6.41 8.45
N1 C5P D . -11.43 -6.04 7.76
C2 C5P D . -11.65 -6.44 6.40
N3 C5P D . -12.81 -6.13 5.73
C4 C5P D . -13.82 -5.41 6.33
C5 C5P D . -13.66 -5.00 7.64
C6 C5P D . -12.56 -5.27 8.35
O2 C5P D . -10.70 -7.15 5.76
N4 C5P D . -14.95 -5.13 5.61
#